data_3J4P
#
_entry.id   3J4P
#
_cell.length_a   1.000
_cell.length_b   1.000
_cell.length_c   1.000
_cell.angle_alpha   90.00
_cell.angle_beta   90.00
_cell.angle_gamma   90.00
#
_symmetry.space_group_name_H-M   'P 1'
#
loop_
_entity.id
_entity.type
_entity.pdbx_description
1 polymer 'Capsid protein VP1'
2 branched 1,3,4,6-tetra-O-sulfo-beta-D-fructofuranose-(2-1)-2,3,4,6-tetra-O-sulfonato-alpha-D-glucopyranose
3 non-polymer 'SODIUM ION'
4 non-polymer 'MAGNESIUM ION'
5 water water
#
_entity_poly.entity_id   1
_entity_poly.type   'polypeptide(L)'
_entity_poly.pdbx_seq_one_letter_code
;VGNSSGNWHCDSTWMGDRVITTSTRTWALPTYNNHLYKQISNSTSGGSSNDNAYFGYSTPWGYFDFNRFHCHFSPRDWQR
LINNNWGFRPKRLSFKLFNIQVKEVTQNEGTKTIANNLTSTIQVFTDSEYQLPYVLGSAHQGCLPPFPADVFMIPQYGYL
TLNNGSQAVGRSSFYCLEYFPSQMLRTGNNFQFTYTFEDVPFHSSYAHSQSLDRLMNPLIDQYLYYLSRTQTTGGTTNTQ
TLGFSQGGPNTMANQAKNWLPGPCYRQQRVSKTSADNNNSEYSWTGATKYHLNGRDSLVNPGPAMASHKDDEEKFFPQSG
VLIFGKQGSEKTNVDIEKVMITDEEEIRTTNPVATEQYGSVSTNLQRGNRQAATADVNTQGVLPGMVWQDRDVYLQGPIW
AKIPHTDGHFHPSPLMGGFGLKHPPPQILIKNTPVPADPPTTFNQSKLNSFITQYSTGQVSVEIEWELQKENSKRWNPEI
QYTSNYYKSTSVDFAVNTEGVYSEPRPIGTRYLTRNL
;
_entity_poly.pdbx_strand_id   A
#
# COMPACT_ATOMS: atom_id res chain seq x y z
N VAL A 1 -29.72 19.69 19.42
CA VAL A 1 -30.13 20.97 18.78
C VAL A 1 -29.57 22.16 19.55
N GLY A 2 -29.83 22.17 20.85
CA GLY A 2 -29.35 23.26 21.70
C GLY A 2 -28.03 22.90 22.35
N ASN A 3 -27.34 21.90 21.78
CA ASN A 3 -26.06 21.45 22.29
C ASN A 3 -25.14 20.87 21.21
N SER A 4 -23.84 21.16 21.33
CA SER A 4 -22.85 20.64 20.39
C SER A 4 -22.56 19.22 20.84
N SER A 5 -21.84 18.45 20.03
CA SER A 5 -21.57 17.07 20.40
C SER A 5 -20.20 16.84 21.05
N GLY A 6 -19.14 17.25 20.39
CA GLY A 6 -17.80 17.06 20.92
C GLY A 6 -16.81 18.09 20.43
N ASN A 7 -15.90 18.52 21.29
CA ASN A 7 -14.91 19.50 20.92
C ASN A 7 -14.06 19.00 19.75
N TRP A 8 -13.14 19.84 19.30
CA TRP A 8 -12.23 19.51 18.20
C TRP A 8 -10.92 19.01 18.79
N HIS A 9 -10.79 17.70 18.90
CA HIS A 9 -9.59 17.10 19.47
C HIS A 9 -8.73 16.46 18.38
N CYS A 10 -7.69 17.16 17.96
CA CYS A 10 -6.81 16.65 16.94
C CYS A 10 -5.37 17.12 17.08
N ASP A 11 -4.55 16.31 17.73
CA ASP A 11 -3.15 16.64 17.92
C ASP A 11 -2.31 15.38 18.03
N SER A 12 -1.06 15.56 18.42
CA SER A 12 -0.13 14.46 18.59
C SER A 12 0.52 14.53 19.96
N THR A 13 1.01 13.39 20.43
CA THR A 13 1.66 13.34 21.74
C THR A 13 2.70 12.24 21.76
N TRP A 14 3.77 12.48 22.50
CA TRP A 14 4.84 11.50 22.63
C TRP A 14 5.12 11.23 24.11
N MET A 15 4.40 10.27 24.67
CA MET A 15 4.57 9.89 26.06
C MET A 15 5.82 9.04 26.22
N GLY A 16 6.52 8.82 25.12
CA GLY A 16 7.74 8.03 25.15
C GLY A 16 7.68 6.83 24.24
N ASP A 17 7.46 5.66 24.84
CA ASP A 17 7.37 4.40 24.10
C ASP A 17 6.06 4.32 23.32
N ARG A 18 5.17 5.27 23.57
CA ARG A 18 3.89 5.31 22.90
C ARG A 18 3.68 6.70 22.30
N VAL A 19 2.85 6.77 21.27
CA VAL A 19 2.56 8.05 20.64
C VAL A 19 1.14 8.07 20.12
N ILE A 20 0.30 8.79 20.85
CA ILE A 20 -1.10 8.90 20.48
C ILE A 20 -1.30 10.10 19.59
N THR A 21 -2.15 9.92 18.59
CA THR A 21 -2.46 10.96 17.64
C THR A 21 -3.86 10.75 17.13
N THR A 22 -4.47 11.83 16.68
CA THR A 22 -5.80 11.76 16.13
C THR A 22 -5.95 12.87 15.12
N SER A 23 -6.97 12.76 14.29
CA SER A 23 -7.23 13.77 13.29
C SER A 23 -8.70 14.13 13.23
N THR A 24 -8.99 15.38 13.53
CA THR A 24 -10.35 15.87 13.50
C THR A 24 -10.52 16.65 12.21
N ARG A 25 -11.50 16.26 11.43
CA ARG A 25 -11.78 16.92 10.16
C ARG A 25 -13.27 16.89 9.93
N THR A 26 -13.69 17.43 8.80
CA THR A 26 -15.11 17.42 8.49
C THR A 26 -15.31 16.83 7.12
N TRP A 27 -16.54 16.38 6.87
CA TRP A 27 -16.89 15.74 5.62
C TRP A 27 -18.27 16.16 5.15
N ALA A 28 -18.76 15.44 4.14
CA ALA A 28 -20.08 15.69 3.58
C ALA A 28 -20.63 14.36 3.09
N LEU A 29 -21.94 14.18 3.20
CA LEU A 29 -22.53 12.94 2.75
C LEU A 29 -23.69 13.14 1.80
N PRO A 30 -23.45 12.88 0.51
CA PRO A 30 -24.47 13.01 -0.55
C PRO A 30 -25.23 11.71 -0.77
N THR A 31 -26.45 11.81 -1.30
CA THR A 31 -27.27 10.64 -1.57
C THR A 31 -26.62 9.89 -2.73
N TYR A 32 -27.09 8.68 -3.01
CA TYR A 32 -26.52 7.90 -4.11
C TYR A 32 -27.51 7.02 -4.84
N ASN A 33 -27.39 7.00 -6.17
CA ASN A 33 -28.27 6.19 -7.00
C ASN A 33 -29.70 6.40 -6.56
N ASN A 34 -29.93 7.51 -5.86
CA ASN A 34 -31.25 7.83 -5.36
C ASN A 34 -31.70 6.71 -4.42
N HIS A 35 -30.80 6.28 -3.55
CA HIS A 35 -31.08 5.22 -2.59
C HIS A 35 -31.42 3.90 -3.29
N LEU A 36 -30.75 3.62 -4.40
CA LEU A 36 -31.03 2.39 -5.12
C LEU A 36 -29.82 1.56 -5.46
N TYR A 37 -29.97 0.26 -5.35
CA TYR A 37 -28.91 -0.68 -5.65
C TYR A 37 -28.71 -0.77 -7.16
N LYS A 38 -27.63 -1.43 -7.58
CA LYS A 38 -27.33 -1.58 -9.00
C LYS A 38 -26.53 -2.87 -9.22
N GLN A 39 -26.48 -3.33 -10.47
CA GLN A 39 -25.70 -4.52 -10.80
C GLN A 39 -24.65 -4.11 -11.80
N ILE A 40 -23.43 -3.91 -11.30
CA ILE A 40 -22.32 -3.49 -12.12
C ILE A 40 -21.37 -4.62 -12.48
N SER A 41 -21.45 -5.08 -13.72
CA SER A 41 -20.60 -6.14 -14.23
C SER A 41 -19.92 -5.62 -15.48
N ASN A 42 -19.25 -6.51 -16.23
CA ASN A 42 -18.59 -6.10 -17.46
C ASN A 42 -19.59 -5.70 -18.52
N SER A 43 -20.83 -5.49 -18.09
CA SER A 43 -21.90 -5.07 -18.98
C SER A 43 -21.77 -3.56 -19.06
N THR A 44 -21.06 -3.00 -18.07
CA THR A 44 -20.81 -1.57 -17.99
C THR A 44 -19.33 -1.33 -18.26
N SER A 45 -18.61 -2.41 -18.60
CA SER A 45 -17.18 -2.35 -18.88
C SER A 45 -16.91 -1.69 -20.22
N GLY A 46 -17.57 -2.16 -21.28
CA GLY A 46 -17.40 -1.58 -22.59
C GLY A 46 -16.02 -1.70 -23.24
N GLY A 47 -15.50 -2.92 -23.38
CA GLY A 47 -14.19 -3.08 -23.98
C GLY A 47 -13.37 -4.28 -23.55
N SER A 48 -12.99 -4.31 -22.27
CA SER A 48 -12.17 -5.38 -21.72
C SER A 48 -12.72 -6.80 -21.91
N SER A 49 -11.79 -7.73 -21.96
CA SER A 49 -12.07 -9.15 -22.13
C SER A 49 -11.97 -9.81 -20.75
N ASN A 50 -11.86 -11.15 -20.75
CA ASN A 50 -11.76 -11.89 -19.50
C ASN A 50 -10.54 -11.44 -18.68
N ASP A 51 -10.02 -10.26 -18.99
CA ASP A 51 -8.88 -9.71 -18.28
C ASP A 51 -9.34 -8.73 -17.18
N ASN A 52 -10.27 -7.84 -17.53
CA ASN A 52 -10.80 -6.86 -16.58
C ASN A 52 -12.25 -7.16 -16.20
N ALA A 53 -12.60 -8.43 -16.20
CA ALA A 53 -13.96 -8.85 -15.86
C ALA A 53 -14.30 -8.50 -14.41
N TYR A 54 -15.51 -8.00 -14.19
CA TYR A 54 -15.96 -7.64 -12.85
C TYR A 54 -17.48 -7.76 -12.73
N PHE A 55 -17.96 -8.42 -11.69
CA PHE A 55 -19.39 -8.57 -11.48
C PHE A 55 -19.75 -8.22 -10.05
N GLY A 56 -20.32 -7.03 -9.88
CA GLY A 56 -20.70 -6.57 -8.56
C GLY A 56 -21.90 -5.64 -8.61
N TYR A 57 -22.17 -4.97 -7.50
CA TYR A 57 -23.29 -4.05 -7.43
C TYR A 57 -22.85 -2.71 -6.87
N SER A 58 -23.79 -1.78 -6.79
CA SER A 58 -23.51 -0.45 -6.28
C SER A 58 -24.51 -0.12 -5.18
N THR A 59 -24.04 -0.14 -3.94
CA THR A 59 -24.91 0.17 -2.83
C THR A 59 -25.07 1.67 -2.70
N PRO A 60 -26.27 2.12 -2.31
CA PRO A 60 -26.54 3.54 -2.14
C PRO A 60 -25.74 4.13 -0.98
N TRP A 61 -25.15 3.25 -0.17
CA TRP A 61 -24.38 3.69 0.99
C TRP A 61 -22.94 4.06 0.68
N GLY A 62 -22.28 4.64 1.68
CA GLY A 62 -20.89 5.05 1.53
C GLY A 62 -20.04 4.56 2.67
N TYR A 63 -18.72 4.61 2.49
CA TYR A 63 -17.78 4.15 3.51
C TYR A 63 -16.65 5.15 3.74
N PHE A 64 -15.73 4.79 4.64
CA PHE A 64 -14.60 5.67 4.95
C PHE A 64 -13.27 5.26 4.35
N ASP A 65 -12.51 6.27 3.91
CA ASP A 65 -11.21 6.07 3.28
C ASP A 65 -10.08 6.80 4.01
N PHE A 66 -9.76 6.33 5.21
CA PHE A 66 -8.68 6.92 5.98
C PHE A 66 -7.52 5.96 6.20
N ASN A 67 -7.29 5.05 5.25
CA ASN A 67 -6.20 4.11 5.41
C ASN A 67 -4.90 4.63 4.80
N ARG A 68 -4.36 5.69 5.39
CA ARG A 68 -3.10 6.26 4.93
C ARG A 68 -2.41 6.95 6.11
N PHE A 69 -1.23 7.48 5.92
CA PHE A 69 -0.53 8.15 7.00
C PHE A 69 -0.56 9.66 6.91
N HIS A 70 -0.23 10.17 5.74
CA HIS A 70 -0.19 11.60 5.51
C HIS A 70 -1.53 12.25 5.83
N CYS A 71 -2.51 11.42 6.16
CA CYS A 71 -3.83 11.93 6.51
C CYS A 71 -4.09 11.68 7.99
N HIS A 72 -3.18 10.96 8.64
CA HIS A 72 -3.30 10.69 10.06
C HIS A 72 -2.24 11.40 10.87
N PHE A 73 -1.09 11.58 10.24
CA PHE A 73 0.03 12.26 10.87
C PHE A 73 0.33 13.56 10.12
N SER A 74 1.02 14.46 10.79
CA SER A 74 1.40 15.71 10.14
C SER A 74 2.79 15.43 9.59
N PRO A 75 3.29 16.30 8.71
CA PRO A 75 4.61 16.06 8.16
C PRO A 75 5.73 16.00 9.19
N ARG A 76 5.80 17.02 10.04
CA ARG A 76 6.87 17.10 11.03
C ARG A 76 6.92 15.89 11.94
N ASP A 77 5.78 15.55 12.53
CA ASP A 77 5.72 14.44 13.44
C ASP A 77 6.20 13.18 12.75
N TRP A 78 5.82 13.02 11.49
CA TRP A 78 6.24 11.86 10.74
C TRP A 78 7.76 11.85 10.80
N GLN A 79 8.33 13.02 10.55
CA GLN A 79 9.77 13.19 10.59
C GLN A 79 10.25 12.81 11.97
N ARG A 80 9.50 13.26 12.96
CA ARG A 80 9.82 13.01 14.35
C ARG A 80 9.95 11.53 14.59
N LEU A 81 8.92 10.80 14.20
CA LEU A 81 8.91 9.37 14.41
C LEU A 81 10.05 8.69 13.67
N ILE A 82 10.17 9.00 12.38
CA ILE A 82 11.17 8.35 11.55
C ILE A 82 12.60 8.53 12.00
N ASN A 83 13.01 9.77 12.20
CA ASN A 83 14.38 10.05 12.59
C ASN A 83 14.73 9.59 13.98
N ASN A 84 13.75 9.10 14.73
CA ASN A 84 14.03 8.67 16.08
C ASN A 84 13.89 7.20 16.43
N ASN A 85 12.85 6.55 15.92
CA ASN A 85 12.62 5.15 16.27
C ASN A 85 12.83 4.11 15.18
N TRP A 86 13.40 2.98 15.59
CA TRP A 86 13.66 1.87 14.68
C TRP A 86 12.38 1.20 14.19
N GLY A 87 11.50 0.85 15.12
CA GLY A 87 10.28 0.17 14.74
C GLY A 87 9.03 0.64 15.45
N PHE A 88 7.88 0.41 14.81
CA PHE A 88 6.59 0.81 15.37
C PHE A 88 5.42 -0.04 14.89
N ARG A 89 4.32 0.04 15.61
CA ARG A 89 3.10 -0.66 15.26
C ARG A 89 1.95 0.10 15.89
N PRO A 90 0.72 -0.12 15.42
CA PRO A 90 -0.47 0.55 15.96
C PRO A 90 -1.00 -0.27 17.13
N LYS A 91 -1.45 0.40 18.18
CA LYS A 91 -1.95 -0.31 19.36
C LYS A 91 -3.46 -0.19 19.60
N ARG A 92 -3.94 1.05 19.61
CA ARG A 92 -5.36 1.31 19.86
C ARG A 92 -5.97 2.28 18.87
N LEU A 93 -7.28 2.19 18.71
CA LEU A 93 -7.98 3.07 17.80
C LEU A 93 -9.40 3.34 18.24
N SER A 94 -9.87 4.55 17.97
CA SER A 94 -11.22 4.96 18.32
C SER A 94 -11.82 5.72 17.15
N PHE A 95 -13.13 5.93 17.20
CA PHE A 95 -13.80 6.65 16.13
C PHE A 95 -15.02 7.42 16.64
N LYS A 96 -15.14 8.66 16.20
CA LYS A 96 -16.25 9.51 16.59
C LYS A 96 -16.68 10.42 15.45
N LEU A 97 -17.98 10.47 15.21
CA LEU A 97 -18.52 11.32 14.16
C LEU A 97 -19.72 12.00 14.80
N PHE A 98 -19.76 13.34 14.71
CA PHE A 98 -20.84 14.08 15.32
C PHE A 98 -21.15 15.43 14.66
N ASN A 99 -21.96 16.23 15.35
CA ASN A 99 -22.34 17.53 14.86
C ASN A 99 -22.88 17.38 13.44
N ILE A 100 -23.79 16.45 13.30
CA ILE A 100 -24.40 16.18 12.01
C ILE A 100 -25.36 17.28 11.65
N GLN A 101 -25.49 17.55 10.36
CA GLN A 101 -26.37 18.59 9.88
C GLN A 101 -26.96 18.21 8.55
N VAL A 102 -28.26 17.93 8.55
CA VAL A 102 -28.96 17.56 7.34
C VAL A 102 -29.54 18.80 6.68
N LYS A 103 -29.29 18.95 5.38
CA LYS A 103 -29.82 20.09 4.64
C LYS A 103 -30.50 19.66 3.36
N GLU A 104 -31.82 19.80 3.34
CA GLU A 104 -32.61 19.47 2.17
C GLU A 104 -32.31 20.58 1.17
N VAL A 105 -32.70 20.38 -0.07
CA VAL A 105 -32.45 21.42 -1.07
C VAL A 105 -33.53 21.44 -2.13
N THR A 106 -34.18 22.59 -2.26
CA THR A 106 -35.23 22.79 -3.24
C THR A 106 -34.62 23.38 -4.50
N GLN A 107 -35.25 23.14 -5.64
CA GLN A 107 -34.74 23.67 -6.91
C GLN A 107 -35.86 24.31 -7.72
N ASN A 108 -36.32 25.48 -7.28
CA ASN A 108 -37.40 26.16 -7.99
C ASN A 108 -36.90 27.09 -9.09
N GLU A 109 -37.06 26.64 -10.33
CA GLU A 109 -36.67 27.41 -11.52
C GLU A 109 -35.18 27.73 -11.58
N GLY A 110 -34.34 26.72 -11.40
CA GLY A 110 -32.90 26.94 -11.44
C GLY A 110 -32.44 27.73 -10.23
N THR A 111 -33.40 28.30 -9.51
CA THR A 111 -33.12 29.09 -8.31
C THR A 111 -33.26 28.17 -7.10
N LYS A 112 -32.16 27.50 -6.76
CA LYS A 112 -32.15 26.57 -5.63
C LYS A 112 -31.81 27.24 -4.31
N THR A 113 -32.33 26.68 -3.23
CA THR A 113 -32.10 27.21 -1.89
C THR A 113 -31.81 26.04 -0.95
N ILE A 114 -30.75 26.17 -0.18
CA ILE A 114 -30.36 25.13 0.77
C ILE A 114 -30.79 25.46 2.18
N ALA A 115 -31.84 24.77 2.63
CA ALA A 115 -32.35 24.96 3.98
C ALA A 115 -31.84 23.82 4.85
N ASN A 116 -32.19 23.84 6.13
CA ASN A 116 -31.77 22.81 7.06
C ASN A 116 -32.95 21.93 7.45
N ASN A 117 -32.72 20.63 7.53
CA ASN A 117 -33.77 19.69 7.89
C ASN A 117 -33.31 18.77 9.02
N LEU A 118 -33.32 19.30 10.23
CA LEU A 118 -32.90 18.56 11.41
C LEU A 118 -33.83 17.39 11.71
N THR A 119 -35.04 17.46 11.19
CA THR A 119 -36.02 16.40 11.40
C THR A 119 -35.51 15.06 10.89
N SER A 120 -34.63 15.12 9.89
CA SER A 120 -34.07 13.91 9.30
C SER A 120 -33.06 13.26 10.22
N THR A 121 -32.54 12.12 9.78
CA THR A 121 -31.54 11.38 10.55
C THR A 121 -30.62 10.62 9.61
N ILE A 122 -29.75 9.79 10.18
CA ILE A 122 -28.84 8.98 9.39
C ILE A 122 -28.60 7.65 10.08
N GLN A 123 -28.11 6.68 9.32
CA GLN A 123 -27.86 5.35 9.84
C GLN A 123 -26.48 4.86 9.41
N VAL A 124 -25.68 4.46 10.39
CA VAL A 124 -24.34 3.97 10.11
C VAL A 124 -23.98 2.85 11.07
N PHE A 125 -23.06 1.99 10.66
CA PHE A 125 -22.64 0.86 11.49
C PHE A 125 -21.20 0.44 11.19
N THR A 126 -20.81 -0.69 11.73
CA THR A 126 -19.47 -1.25 11.53
C THR A 126 -19.57 -2.76 11.33
N ASP A 127 -18.72 -3.28 10.45
CA ASP A 127 -18.70 -4.71 10.17
C ASP A 127 -17.59 -5.38 10.96
N SER A 128 -17.93 -5.93 12.12
CA SER A 128 -16.96 -6.61 12.97
C SER A 128 -16.68 -8.02 12.47
N GLU A 129 -17.73 -8.78 12.22
CA GLU A 129 -17.62 -10.16 11.75
C GLU A 129 -17.02 -10.28 10.35
N TYR A 130 -16.69 -9.14 9.76
CA TYR A 130 -16.09 -9.13 8.44
C TYR A 130 -16.89 -9.96 7.44
N GLN A 131 -18.19 -9.72 7.36
CA GLN A 131 -19.04 -10.46 6.44
C GLN A 131 -19.16 -9.74 5.10
N LEU A 132 -18.72 -8.49 5.07
CA LEU A 132 -18.77 -7.72 3.85
C LEU A 132 -17.40 -7.70 3.20
N PRO A 133 -17.39 -7.63 1.87
CA PRO A 133 -16.12 -7.61 1.13
C PRO A 133 -15.26 -6.46 1.60
N TYR A 134 -14.12 -6.78 2.19
CA TYR A 134 -13.24 -5.73 2.66
C TYR A 134 -12.81 -4.95 1.43
N VAL A 135 -13.11 -3.67 1.43
CA VAL A 135 -12.77 -2.82 0.30
C VAL A 135 -11.43 -2.11 0.46
N LEU A 136 -11.20 -1.47 1.60
CA LEU A 136 -9.94 -0.78 1.80
C LEU A 136 -8.81 -1.79 1.63
N GLY A 137 -7.58 -1.30 1.61
CA GLY A 137 -6.45 -2.20 1.43
C GLY A 137 -6.18 -2.26 -0.06
N SER A 138 -7.18 -1.83 -0.82
CA SER A 138 -7.08 -1.77 -2.28
C SER A 138 -6.51 -0.41 -2.55
N ALA A 139 -6.45 0.39 -1.49
CA ALA A 139 -5.92 1.74 -1.56
C ALA A 139 -6.63 2.60 -2.58
N HIS A 140 -7.95 2.63 -2.53
CA HIS A 140 -8.69 3.46 -3.46
C HIS A 140 -8.45 4.88 -3.01
N GLN A 141 -8.64 5.84 -3.90
CA GLN A 141 -8.44 7.23 -3.56
C GLN A 141 -9.61 7.81 -2.78
N GLY A 142 -9.58 9.12 -2.55
CA GLY A 142 -10.63 9.76 -1.79
C GLY A 142 -10.43 9.53 -0.32
N CYS A 143 -9.16 9.50 0.08
CA CYS A 143 -8.80 9.27 1.47
C CYS A 143 -9.13 10.49 2.30
N LEU A 144 -8.87 10.39 3.60
CA LEU A 144 -9.12 11.54 4.46
C LEU A 144 -8.19 12.60 3.91
N PRO A 145 -8.61 13.86 3.95
CA PRO A 145 -7.72 14.89 3.42
C PRO A 145 -6.37 14.82 4.11
N PRO A 146 -5.31 14.55 3.33
CA PRO A 146 -3.97 14.46 3.89
C PRO A 146 -3.68 15.79 4.58
N PHE A 147 -4.66 16.68 4.50
CA PHE A 147 -4.57 17.99 5.11
C PHE A 147 -5.75 18.14 6.08
N PRO A 148 -5.59 18.97 7.11
CA PRO A 148 -6.66 19.17 8.09
C PRO A 148 -7.77 20.17 7.77
N ALA A 149 -7.41 21.39 7.39
CA ALA A 149 -8.42 22.41 7.13
C ALA A 149 -9.43 22.08 6.03
N ASP A 150 -8.98 21.40 4.98
CA ASP A 150 -9.89 21.06 3.89
C ASP A 150 -10.85 19.91 4.22
N VAL A 151 -12.10 20.06 3.78
CA VAL A 151 -13.12 19.04 4.01
C VAL A 151 -13.34 18.26 2.71
N PHE A 152 -14.03 17.15 2.81
CA PHE A 152 -14.28 16.32 1.64
C PHE A 152 -15.61 15.59 1.69
N MET A 153 -15.80 14.69 0.73
CA MET A 153 -17.01 13.91 0.61
C MET A 153 -16.69 12.42 0.69
N ILE A 154 -17.62 11.65 1.24
CA ILE A 154 -17.43 10.22 1.37
C ILE A 154 -17.82 9.49 0.11
N PRO A 155 -16.89 8.69 -0.42
CA PRO A 155 -17.09 7.90 -1.63
C PRO A 155 -18.15 6.82 -1.47
N GLN A 156 -18.94 6.63 -2.53
CA GLN A 156 -19.99 5.62 -2.55
C GLN A 156 -19.34 4.26 -2.33
N TYR A 157 -20.15 3.21 -2.23
CA TYR A 157 -19.61 1.88 -2.03
C TYR A 157 -20.14 0.84 -3.01
N GLY A 158 -19.22 0.04 -3.54
CA GLY A 158 -19.57 -1.02 -4.48
C GLY A 158 -18.58 -2.15 -4.38
N TYR A 159 -19.04 -3.39 -4.52
CA TYR A 159 -18.16 -4.53 -4.43
C TYR A 159 -18.30 -5.46 -5.61
N LEU A 160 -17.51 -6.54 -5.61
CA LEU A 160 -17.54 -7.49 -6.71
C LEU A 160 -17.43 -8.93 -6.23
N THR A 161 -17.98 -9.85 -7.01
CA THR A 161 -17.95 -11.27 -6.68
C THR A 161 -17.35 -12.08 -7.82
N LEU A 162 -17.39 -13.40 -7.65
CA LEU A 162 -16.88 -14.32 -8.65
C LEU A 162 -17.71 -14.07 -9.92
N ASN A 163 -17.05 -14.08 -11.06
CA ASN A 163 -17.77 -13.87 -12.31
C ASN A 163 -17.11 -14.53 -13.50
N ASN A 164 -17.92 -14.81 -14.51
CA ASN A 164 -17.41 -15.41 -15.73
C ASN A 164 -17.53 -14.31 -16.75
N GLY A 165 -16.70 -13.29 -16.58
CA GLY A 165 -16.72 -12.16 -17.48
C GLY A 165 -17.99 -11.36 -17.37
N SER A 166 -18.76 -11.34 -18.45
CA SER A 166 -20.01 -10.59 -18.52
C SER A 166 -21.15 -11.19 -17.70
N GLN A 167 -20.91 -12.36 -17.12
CA GLN A 167 -21.93 -13.01 -16.32
C GLN A 167 -21.37 -13.47 -14.99
N ALA A 168 -22.23 -14.03 -14.15
CA ALA A 168 -21.79 -14.49 -12.84
C ALA A 168 -22.28 -15.88 -12.47
N VAL A 169 -21.44 -16.61 -11.76
CA VAL A 169 -21.76 -17.95 -11.31
C VAL A 169 -22.75 -17.89 -10.16
N GLY A 170 -23.47 -18.98 -9.93
CA GLY A 170 -24.41 -19.00 -8.83
C GLY A 170 -23.66 -18.72 -7.54
N ARG A 171 -22.41 -19.19 -7.48
CA ARG A 171 -21.59 -18.97 -6.30
C ARG A 171 -21.23 -17.51 -6.15
N SER A 172 -21.96 -16.65 -6.86
CA SER A 172 -21.73 -15.22 -6.76
C SER A 172 -22.74 -14.70 -5.76
N SER A 173 -22.26 -14.49 -4.54
CA SER A 173 -23.10 -14.01 -3.46
C SER A 173 -23.74 -12.67 -3.79
N PHE A 174 -24.50 -12.17 -2.82
CA PHE A 174 -25.19 -10.91 -2.95
C PHE A 174 -25.36 -10.32 -1.57
N TYR A 175 -25.02 -9.05 -1.40
CA TYR A 175 -25.15 -8.44 -0.10
C TYR A 175 -25.93 -7.14 -0.06
N CYS A 176 -26.51 -6.89 1.11
CA CYS A 176 -27.31 -5.70 1.35
C CYS A 176 -27.11 -5.35 2.81
N LEU A 177 -26.30 -4.33 3.06
CA LEU A 177 -26.00 -3.93 4.43
C LEU A 177 -27.23 -3.56 5.24
N GLU A 178 -28.26 -3.06 4.59
CA GLU A 178 -29.49 -2.67 5.30
C GLU A 178 -30.12 -3.86 6.00
N TYR A 179 -29.37 -4.96 6.07
CA TYR A 179 -29.83 -6.15 6.75
C TYR A 179 -29.00 -6.29 8.01
N PHE A 180 -28.39 -5.19 8.42
CA PHE A 180 -27.55 -5.14 9.61
C PHE A 180 -28.01 -4.07 10.57
N PRO A 181 -27.51 -4.11 11.80
CA PRO A 181 -27.90 -3.09 12.77
C PRO A 181 -27.17 -1.80 12.43
N SER A 182 -27.85 -0.67 12.56
CA SER A 182 -27.24 0.61 12.25
C SER A 182 -27.65 1.65 13.27
N GLN A 183 -26.64 2.24 13.92
CA GLN A 183 -26.91 3.25 14.93
C GLN A 183 -27.69 4.39 14.32
N MET A 184 -29.01 4.29 14.36
CA MET A 184 -29.87 5.32 13.82
C MET A 184 -29.48 6.56 14.60
N LEU A 185 -28.99 7.58 13.91
CA LEU A 185 -28.57 8.80 14.58
C LEU A 185 -29.14 10.06 13.95
N ARG A 186 -29.73 10.89 14.81
CA ARG A 186 -30.31 12.16 14.41
C ARG A 186 -29.32 13.25 14.77
N THR A 187 -29.49 14.44 14.22
CA THR A 187 -28.56 15.52 14.53
C THR A 187 -28.59 15.68 16.03
N GLY A 188 -27.60 16.38 16.58
CA GLY A 188 -27.56 16.56 18.02
C GLY A 188 -27.12 15.28 18.69
N ASN A 189 -27.37 14.16 18.02
CA ASN A 189 -26.99 12.86 18.54
C ASN A 189 -25.61 12.51 18.03
N ASN A 190 -24.68 12.28 18.95
CA ASN A 190 -23.31 11.95 18.60
C ASN A 190 -23.14 10.46 18.34
N PHE A 191 -21.98 10.10 17.81
CA PHE A 191 -21.67 8.71 17.54
C PHE A 191 -20.21 8.37 17.79
N GLN A 192 -19.99 7.26 18.46
CA GLN A 192 -18.65 6.81 18.77
C GLN A 192 -18.62 5.30 18.89
N PHE A 193 -17.43 4.74 18.75
CA PHE A 193 -17.23 3.31 18.89
C PHE A 193 -15.78 3.10 19.33
N THR A 194 -15.36 1.85 19.49
CA THR A 194 -13.99 1.57 19.90
C THR A 194 -13.39 0.31 19.28
N TYR A 195 -12.11 0.38 18.96
CA TYR A 195 -11.41 -0.74 18.36
C TYR A 195 -10.02 -0.91 18.93
N THR A 196 -9.50 -2.12 18.82
CA THR A 196 -8.16 -2.43 19.31
C THR A 196 -7.51 -3.42 18.36
N PHE A 197 -6.20 -3.26 18.17
CA PHE A 197 -5.46 -4.14 17.30
C PHE A 197 -5.07 -5.41 18.01
N GLU A 198 -4.19 -6.16 17.36
CA GLU A 198 -3.67 -7.40 17.90
C GLU A 198 -2.18 -7.32 17.60
N ASP A 199 -1.40 -8.26 18.11
CA ASP A 199 0.04 -8.24 17.90
C ASP A 199 0.49 -8.42 16.45
N VAL A 200 1.44 -7.60 16.05
CA VAL A 200 2.01 -7.66 14.71
C VAL A 200 3.45 -7.19 14.78
N PRO A 201 4.36 -7.86 14.07
CA PRO A 201 5.76 -7.45 14.11
C PRO A 201 5.89 -6.00 13.65
N PHE A 202 6.64 -5.21 14.41
CA PHE A 202 6.84 -3.81 14.09
C PHE A 202 7.47 -3.69 12.71
N HIS A 203 6.94 -2.79 11.89
CA HIS A 203 7.48 -2.59 10.56
C HIS A 203 8.93 -2.19 10.77
N SER A 204 9.85 -3.05 10.34
CA SER A 204 11.27 -2.78 10.50
C SER A 204 11.63 -1.48 9.81
N SER A 205 11.49 -0.38 10.55
CA SER A 205 11.78 0.92 9.98
C SER A 205 13.24 1.28 10.14
N TYR A 206 14.12 0.53 9.47
CA TYR A 206 15.53 0.83 9.55
C TYR A 206 16.34 0.31 8.38
N ALA A 207 17.51 0.91 8.18
CA ALA A 207 18.41 0.51 7.09
C ALA A 207 19.55 -0.28 7.70
N HIS A 208 20.02 -1.28 6.97
CA HIS A 208 21.11 -2.11 7.46
C HIS A 208 22.49 -1.51 7.29
N SER A 209 23.40 -1.94 8.15
CA SER A 209 24.78 -1.46 8.14
C SER A 209 25.70 -2.29 7.26
N GLN A 210 25.42 -3.59 7.18
CA GLN A 210 26.23 -4.50 6.37
C GLN A 210 25.36 -5.14 5.29
N SER A 211 25.93 -6.14 4.63
CA SER A 211 25.20 -6.86 3.60
C SER A 211 25.42 -8.34 3.78
N LEU A 212 24.60 -9.14 3.13
CA LEU A 212 24.72 -10.59 3.23
C LEU A 212 26.11 -11.02 2.79
N ASP A 213 26.53 -10.49 1.65
CA ASP A 213 27.83 -10.84 1.11
C ASP A 213 28.97 -10.36 2.00
N ARG A 214 28.74 -9.28 2.73
CA ARG A 214 29.79 -8.75 3.59
C ARG A 214 29.44 -8.60 5.06
N LEU A 215 29.24 -9.72 5.71
CA LEU A 215 28.93 -9.77 7.14
C LEU A 215 30.05 -10.49 7.89
N MET A 216 31.10 -10.87 7.15
CA MET A 216 32.22 -11.60 7.72
C MET A 216 33.44 -10.72 7.90
N ASN A 217 34.25 -11.06 8.90
CA ASN A 217 35.47 -10.30 9.16
C ASN A 217 36.39 -10.44 7.97
N PRO A 218 37.22 -9.42 7.73
CA PRO A 218 38.17 -9.40 6.62
C PRO A 218 39.57 -9.85 7.02
N LEU A 219 39.99 -9.46 8.21
CA LEU A 219 41.33 -9.78 8.70
C LEU A 219 41.60 -11.27 8.74
N ILE A 220 40.55 -12.07 8.85
CA ILE A 220 40.73 -13.50 8.92
C ILE A 220 40.26 -14.21 7.67
N ASP A 221 40.44 -15.53 7.68
CA ASP A 221 40.06 -16.36 6.57
C ASP A 221 39.16 -17.46 7.08
N GLN A 222 38.66 -18.28 6.19
CA GLN A 222 37.78 -19.37 6.56
C GLN A 222 38.54 -20.69 6.47
N TYR A 223 38.65 -21.39 7.60
CA TYR A 223 39.35 -22.67 7.64
C TYR A 223 38.70 -23.66 6.67
N LEU A 224 37.64 -23.19 6.03
CA LEU A 224 36.89 -23.98 5.07
C LEU A 224 37.44 -23.70 3.68
N TYR A 225 37.47 -24.71 2.83
CA TYR A 225 38.00 -24.53 1.49
C TYR A 225 36.90 -24.61 0.43
N TYR A 226 37.27 -24.26 -0.79
CA TYR A 226 36.34 -24.30 -1.90
C TYR A 226 37.08 -24.57 -3.21
N LEU A 227 36.32 -25.02 -4.19
CA LEU A 227 36.83 -25.34 -5.51
C LEU A 227 37.21 -24.10 -6.30
N SER A 228 38.49 -23.76 -6.29
CA SER A 228 38.99 -22.59 -7.01
C SER A 228 39.87 -22.96 -8.19
N ARG A 229 39.93 -24.24 -8.51
CA ARG A 229 40.74 -24.70 -9.63
C ARG A 229 40.19 -25.93 -10.34
N THR A 230 39.42 -25.70 -11.40
CA THR A 230 38.85 -26.81 -12.15
C THR A 230 39.96 -27.47 -12.94
N GLN A 231 40.70 -26.65 -13.69
CA GLN A 231 41.81 -27.12 -14.52
C GLN A 231 43.13 -26.75 -13.87
N THR A 232 44.23 -27.15 -14.51
CA THR A 232 45.55 -26.86 -14.01
C THR A 232 46.24 -25.90 -14.97
N THR A 233 46.34 -24.63 -14.56
CA THR A 233 46.97 -23.62 -15.40
C THR A 233 48.49 -23.83 -15.44
N GLY A 234 48.91 -25.09 -15.34
CA GLY A 234 50.32 -25.42 -15.37
C GLY A 234 50.92 -25.45 -16.77
N GLY A 235 50.39 -24.63 -17.67
CA GLY A 235 50.90 -24.58 -19.02
C GLY A 235 49.84 -24.56 -20.12
N THR A 236 50.01 -25.45 -21.10
CA THR A 236 49.09 -25.59 -22.24
C THR A 236 48.27 -26.87 -22.13
N THR A 237 48.63 -27.67 -21.12
CA THR A 237 48.00 -28.95 -20.82
C THR A 237 47.05 -28.83 -19.64
N ASN A 238 46.32 -27.71 -19.57
CA ASN A 238 45.39 -27.45 -18.46
C ASN A 238 44.44 -28.64 -18.27
N THR A 239 44.94 -29.69 -17.63
CA THR A 239 44.17 -30.89 -17.39
C THR A 239 43.07 -30.63 -16.38
N GLN A 240 42.45 -31.72 -15.94
CA GLN A 240 41.38 -31.65 -14.95
C GLN A 240 42.00 -31.92 -13.58
N THR A 241 42.28 -30.86 -12.84
CA THR A 241 42.87 -31.01 -11.51
C THR A 241 41.88 -30.52 -10.47
N LEU A 242 42.33 -30.49 -9.21
CA LEU A 242 41.46 -30.06 -8.13
C LEU A 242 42.16 -29.19 -7.09
N GLY A 243 42.39 -27.93 -7.43
CA GLY A 243 43.02 -27.01 -6.51
C GLY A 243 41.95 -26.42 -5.60
N PHE A 244 42.30 -26.14 -4.35
CA PHE A 244 41.35 -25.58 -3.42
C PHE A 244 41.93 -24.45 -2.60
N SER A 245 41.05 -23.56 -2.16
CA SER A 245 41.49 -22.41 -1.37
C SER A 245 40.56 -22.15 -0.21
N GLN A 246 40.89 -21.12 0.58
CA GLN A 246 40.10 -20.75 1.73
C GLN A 246 39.60 -19.31 1.63
N GLY A 247 38.94 -18.85 2.70
CA GLY A 247 38.38 -17.50 2.70
C GLY A 247 39.40 -16.38 2.49
N GLY A 248 39.77 -16.15 1.24
CA GLY A 248 40.72 -15.11 0.93
C GLY A 248 40.16 -13.73 1.23
N PRO A 249 40.92 -12.90 1.97
CA PRO A 249 40.48 -11.54 2.33
C PRO A 249 40.23 -10.74 1.07
N ASN A 250 40.58 -11.35 -0.07
CA ASN A 250 40.40 -10.73 -1.37
C ASN A 250 39.34 -11.50 -2.14
N THR A 251 39.29 -12.80 -1.89
CA THR A 251 38.33 -13.69 -2.55
C THR A 251 37.08 -13.84 -1.72
N MET A 252 36.74 -12.78 -0.97
CA MET A 252 35.58 -12.80 -0.11
C MET A 252 34.27 -13.07 -0.84
N ALA A 253 34.30 -12.96 -2.16
CA ALA A 253 33.11 -13.22 -2.96
C ALA A 253 32.96 -14.73 -3.03
N ASN A 254 34.09 -15.41 -3.22
CA ASN A 254 34.11 -16.86 -3.32
C ASN A 254 34.06 -17.45 -1.92
N GLN A 255 34.12 -16.58 -0.92
CA GLN A 255 34.08 -17.03 0.46
C GLN A 255 32.82 -17.80 0.79
N ALA A 256 32.71 -18.19 2.05
CA ALA A 256 31.58 -18.94 2.54
C ALA A 256 30.60 -18.07 3.31
N LYS A 257 29.32 -18.20 2.99
CA LYS A 257 28.28 -17.44 3.65
C LYS A 257 27.27 -18.44 4.19
N ASN A 258 26.48 -18.04 5.19
CA ASN A 258 25.51 -18.98 5.76
C ASN A 258 24.07 -18.64 5.44
N TRP A 259 23.82 -17.41 5.05
CA TRP A 259 22.47 -16.99 4.74
C TRP A 259 22.25 -16.76 3.27
N LEU A 260 21.04 -16.34 2.90
CA LEU A 260 20.73 -16.11 1.49
C LEU A 260 19.67 -15.04 1.27
N PRO A 261 19.80 -14.30 0.15
CA PRO A 261 18.87 -13.23 -0.21
C PRO A 261 17.44 -13.73 -0.31
N GLY A 262 16.50 -12.87 0.05
CA GLY A 262 15.10 -13.24 0.01
C GLY A 262 14.63 -13.66 -1.37
N PRO A 263 13.39 -14.14 -1.48
CA PRO A 263 12.81 -14.59 -2.75
C PRO A 263 12.79 -13.45 -3.77
N CYS A 264 12.53 -13.78 -5.03
CA CYS A 264 12.51 -12.74 -6.06
C CYS A 264 11.60 -13.05 -7.24
N TYR A 265 11.41 -12.03 -8.07
CA TYR A 265 10.58 -12.12 -9.27
C TYR A 265 11.14 -11.11 -10.26
N ARG A 266 11.53 -11.57 -11.45
CA ARG A 266 12.11 -10.67 -12.45
C ARG A 266 11.16 -9.64 -13.04
N GLN A 267 11.57 -8.38 -12.99
CA GLN A 267 10.80 -7.27 -13.53
C GLN A 267 11.50 -6.74 -14.79
N GLN A 268 10.82 -5.83 -15.49
CA GLN A 268 11.35 -5.22 -16.70
C GLN A 268 12.00 -3.89 -16.33
N ARG A 269 13.29 -3.75 -16.62
CA ARG A 269 13.99 -2.52 -16.27
C ARG A 269 13.71 -1.40 -17.25
N VAL A 270 13.07 -0.35 -16.74
CA VAL A 270 12.76 0.81 -17.55
C VAL A 270 13.68 1.89 -17.01
N SER A 271 13.53 3.10 -17.54
CA SER A 271 14.37 4.20 -17.10
C SER A 271 13.57 5.51 -16.98
N LYS A 272 14.12 6.46 -16.24
CA LYS A 272 13.45 7.74 -16.05
C LYS A 272 13.65 8.63 -17.27
N THR A 273 14.69 8.37 -18.03
CA THR A 273 14.95 9.14 -19.24
C THR A 273 14.20 8.43 -20.36
N SER A 274 14.00 9.12 -21.47
CA SER A 274 13.27 8.55 -22.59
C SER A 274 14.11 7.73 -23.55
N ALA A 275 15.20 8.31 -24.03
CA ALA A 275 16.06 7.65 -24.99
C ALA A 275 16.65 6.31 -24.54
N ASP A 276 16.57 6.02 -23.24
CA ASP A 276 17.12 4.77 -22.74
C ASP A 276 16.18 3.59 -22.92
N ASN A 277 14.91 3.88 -23.15
CA ASN A 277 13.94 2.83 -23.33
C ASN A 277 13.79 2.46 -24.80
N ASN A 278 13.56 1.19 -25.07
CA ASN A 278 13.40 0.73 -26.43
C ASN A 278 12.20 1.46 -27.00
N ASN A 279 11.86 1.20 -28.24
CA ASN A 279 10.74 1.89 -28.85
C ASN A 279 9.62 0.91 -29.21
N SER A 280 8.98 0.36 -28.17
CA SER A 280 7.87 -0.58 -28.38
C SER A 280 6.92 -0.53 -27.18
N GLU A 281 5.62 -0.69 -27.44
CA GLU A 281 4.63 -0.66 -26.36
C GLU A 281 4.54 -1.99 -25.61
N TYR A 282 5.34 -2.10 -24.56
CA TYR A 282 5.38 -3.31 -23.75
C TYR A 282 4.78 -3.04 -22.37
N SER A 283 4.07 -1.93 -22.26
CA SER A 283 3.48 -1.54 -20.99
C SER A 283 2.59 -2.65 -20.46
N TRP A 284 1.82 -3.27 -21.35
CA TRP A 284 0.93 -4.34 -20.96
C TRP A 284 1.41 -5.67 -21.52
N THR A 285 2.40 -5.63 -22.40
CA THR A 285 2.89 -6.86 -23.00
C THR A 285 4.22 -7.38 -22.45
N GLY A 286 5.24 -6.53 -22.50
CA GLY A 286 6.55 -6.94 -22.02
C GLY A 286 6.61 -6.79 -20.52
N ALA A 287 5.44 -6.69 -19.91
CA ALA A 287 5.32 -6.52 -18.48
C ALA A 287 5.28 -7.84 -17.72
N THR A 288 5.64 -7.77 -16.44
CA THR A 288 5.63 -8.93 -15.56
C THR A 288 4.22 -9.11 -15.06
N LYS A 289 3.61 -10.24 -15.40
CA LYS A 289 2.25 -10.51 -14.98
C LYS A 289 2.03 -11.99 -14.68
N TYR A 290 0.89 -12.29 -14.06
CA TYR A 290 0.54 -13.66 -13.71
C TYR A 290 -0.72 -14.06 -14.45
N HIS A 291 -1.19 -15.26 -14.17
CA HIS A 291 -2.39 -15.76 -14.81
C HIS A 291 -3.32 -16.38 -13.78
N LEU A 292 -4.61 -16.12 -13.93
CA LEU A 292 -5.58 -16.66 -13.00
C LEU A 292 -6.93 -16.87 -13.68
N ASN A 293 -7.35 -18.13 -13.79
CA ASN A 293 -8.63 -18.44 -14.41
C ASN A 293 -8.77 -17.71 -15.74
N GLY A 294 -7.69 -17.67 -16.51
CA GLY A 294 -7.73 -16.99 -17.80
C GLY A 294 -7.61 -15.49 -17.65
N ARG A 295 -8.10 -15.00 -16.51
CA ARG A 295 -8.09 -13.58 -16.18
C ARG A 295 -6.66 -13.13 -15.88
N ASP A 296 -5.84 -13.09 -16.92
CA ASP A 296 -4.45 -12.69 -16.79
C ASP A 296 -4.36 -11.24 -16.32
N SER A 297 -3.45 -10.97 -15.39
CA SER A 297 -3.27 -9.61 -14.87
C SER A 297 -1.85 -9.33 -14.38
N LEU A 298 -1.59 -8.06 -14.06
CA LEU A 298 -0.29 -7.61 -13.56
C LEU A 298 0.07 -8.34 -12.29
N VAL A 299 1.31 -8.20 -11.84
CA VAL A 299 1.71 -8.84 -10.60
C VAL A 299 2.38 -7.80 -9.70
N ASN A 300 1.69 -6.68 -9.52
CA ASN A 300 2.16 -5.59 -8.68
C ASN A 300 0.94 -4.69 -8.62
N PRO A 301 1.09 -3.46 -8.10
CA PRO A 301 2.11 -2.60 -7.48
C PRO A 301 3.46 -3.12 -6.98
N GLY A 302 3.59 -4.43 -6.82
CA GLY A 302 4.82 -4.97 -6.32
C GLY A 302 4.99 -6.48 -6.28
N PRO A 303 6.09 -6.93 -5.66
CA PRO A 303 6.64 -8.26 -5.36
C PRO A 303 7.36 -7.95 -4.05
N ALA A 304 8.21 -8.84 -3.59
CA ALA A 304 8.96 -8.54 -2.39
C ALA A 304 10.32 -8.15 -2.97
N MET A 305 10.53 -6.86 -3.23
CA MET A 305 11.79 -6.48 -3.85
C MET A 305 12.39 -5.10 -3.60
N ALA A 306 13.60 -4.94 -4.15
CA ALA A 306 14.38 -3.70 -4.08
C ALA A 306 14.42 -3.19 -5.52
N SER A 307 14.31 -1.87 -5.69
CA SER A 307 14.27 -1.28 -7.01
C SER A 307 15.47 -1.47 -7.93
N HIS A 308 16.65 -1.05 -7.49
CA HIS A 308 17.81 -1.19 -8.35
C HIS A 308 19.13 -1.26 -7.61
N LYS A 309 20.20 -1.43 -8.37
CA LYS A 309 21.52 -1.50 -7.80
C LYS A 309 22.10 -0.10 -7.70
N ASP A 310 23.34 -0.01 -7.26
CA ASP A 310 24.02 1.27 -7.07
C ASP A 310 24.13 2.14 -8.34
N ASP A 311 23.91 3.44 -8.16
CA ASP A 311 23.99 4.43 -9.22
C ASP A 311 23.07 4.24 -10.42
N GLU A 312 22.02 3.43 -10.25
CA GLU A 312 21.08 3.20 -11.33
C GLU A 312 19.79 3.93 -10.94
N GLU A 313 19.88 5.26 -10.90
CA GLU A 313 18.74 6.08 -10.53
C GLU A 313 17.77 6.12 -11.70
N LYS A 314 18.34 6.14 -12.90
CA LYS A 314 17.54 6.19 -14.12
C LYS A 314 16.60 5.00 -14.23
N PHE A 315 17.11 3.81 -14.01
CA PHE A 315 16.28 2.63 -14.11
C PHE A 315 15.54 2.29 -12.82
N PHE A 316 14.34 1.76 -12.98
CA PHE A 316 13.50 1.33 -11.86
C PHE A 316 12.59 0.23 -12.39
N PRO A 317 12.06 -0.61 -11.49
CA PRO A 317 11.17 -1.67 -11.98
C PRO A 317 10.01 -1.04 -12.71
N GLN A 318 9.56 -1.67 -13.77
CA GLN A 318 8.45 -1.14 -14.54
C GLN A 318 7.23 -0.98 -13.64
N SER A 319 6.83 -2.08 -13.02
CA SER A 319 5.69 -2.07 -12.13
C SER A 319 6.07 -2.42 -10.70
N GLY A 320 7.37 -2.52 -10.44
CA GLY A 320 7.85 -2.91 -9.13
C GLY A 320 7.47 -2.06 -7.93
N VAL A 321 7.60 -0.74 -8.04
CA VAL A 321 7.28 0.13 -6.92
C VAL A 321 6.00 0.92 -7.07
N LEU A 322 5.82 1.86 -6.16
CA LEU A 322 4.63 2.70 -6.14
C LEU A 322 4.79 4.00 -6.92
N ILE A 323 3.66 4.62 -7.23
CA ILE A 323 3.63 5.85 -8.00
C ILE A 323 2.61 6.80 -7.38
N PHE A 324 3.05 8.02 -7.06
CA PHE A 324 2.18 9.02 -6.46
C PHE A 324 2.26 10.34 -7.15
N GLY A 325 1.17 10.70 -7.82
CA GLY A 325 1.14 11.97 -8.52
C GLY A 325 1.08 13.14 -7.56
N LYS A 326 1.84 14.19 -7.87
CA LYS A 326 1.85 15.38 -7.05
C LYS A 326 0.42 15.93 -7.10
N GLN A 327 0.13 16.89 -6.24
CA GLN A 327 -1.20 17.47 -6.22
C GLN A 327 -1.56 18.06 -7.58
N GLY A 328 -2.69 17.60 -8.11
CA GLY A 328 -3.12 18.11 -9.40
C GLY A 328 -2.78 17.19 -10.56
N SER A 329 -3.13 15.92 -10.44
CA SER A 329 -2.85 14.97 -11.50
C SER A 329 -4.14 14.40 -12.06
N GLU A 330 -4.25 14.36 -13.38
CA GLU A 330 -5.42 13.83 -14.05
C GLU A 330 -5.48 12.32 -13.86
N LYS A 331 -6.33 11.65 -14.62
CA LYS A 331 -6.46 10.20 -14.50
C LYS A 331 -5.54 9.38 -15.39
N THR A 332 -5.15 9.89 -16.56
CA THR A 332 -4.29 9.11 -17.45
C THR A 332 -3.12 9.80 -18.12
N ASN A 333 -2.24 8.96 -18.67
CA ASN A 333 -1.05 9.37 -19.41
C ASN A 333 -0.28 10.57 -18.90
N VAL A 334 -0.49 10.96 -17.64
CA VAL A 334 0.24 12.12 -17.14
C VAL A 334 1.71 11.79 -17.27
N ASP A 335 2.56 12.80 -17.19
CA ASP A 335 3.98 12.54 -17.32
C ASP A 335 4.73 12.43 -16.01
N ILE A 336 5.96 11.94 -16.12
CA ILE A 336 6.84 11.74 -14.97
C ILE A 336 7.04 13.05 -14.23
N GLU A 337 6.73 14.15 -14.90
CA GLU A 337 6.87 15.47 -14.30
C GLU A 337 5.99 15.62 -13.08
N LYS A 338 4.83 14.96 -13.10
CA LYS A 338 3.87 15.06 -12.02
C LYS A 338 4.04 14.08 -10.86
N VAL A 339 4.14 12.79 -11.18
CA VAL A 339 4.25 11.78 -10.13
C VAL A 339 5.55 11.80 -9.34
N MET A 340 5.56 11.00 -8.29
CA MET A 340 6.72 10.87 -7.42
C MET A 340 7.00 9.38 -7.31
N ILE A 341 7.85 8.89 -8.20
CA ILE A 341 8.18 7.48 -8.18
C ILE A 341 9.03 7.15 -6.96
N THR A 342 8.77 5.98 -6.39
CA THR A 342 9.45 5.52 -5.18
C THR A 342 10.77 4.80 -5.43
N ASP A 343 11.87 5.43 -5.03
CA ASP A 343 13.19 4.84 -5.20
C ASP A 343 13.46 3.86 -4.06
N GLU A 344 13.94 2.67 -4.40
CA GLU A 344 14.23 1.63 -3.40
C GLU A 344 15.70 1.31 -3.23
N GLU A 345 16.55 2.32 -3.44
CA GLU A 345 18.00 2.16 -3.30
C GLU A 345 18.35 1.95 -1.82
N GLU A 346 17.43 1.39 -1.05
CA GLU A 346 17.67 1.17 0.37
C GLU A 346 17.81 -0.29 0.78
N ILE A 347 17.07 -1.17 0.12
CA ILE A 347 17.12 -2.57 0.48
C ILE A 347 18.15 -3.37 -0.27
N ARG A 348 19.01 -2.66 -1.01
CA ARG A 348 20.05 -3.32 -1.78
C ARG A 348 21.03 -4.06 -0.89
N THR A 349 20.57 -4.42 0.30
CA THR A 349 21.41 -5.13 1.24
C THR A 349 20.94 -6.55 1.39
N THR A 350 19.62 -6.72 1.45
CA THR A 350 19.02 -8.02 1.63
C THR A 350 18.29 -8.51 0.40
N ASN A 351 17.40 -7.67 -0.10
CA ASN A 351 16.61 -8.03 -1.26
C ASN A 351 17.28 -7.66 -2.57
N PRO A 352 17.26 -8.61 -3.51
CA PRO A 352 17.87 -8.40 -4.83
C PRO A 352 17.14 -7.29 -5.58
N VAL A 353 17.43 -7.16 -6.87
CA VAL A 353 16.80 -6.16 -7.70
C VAL A 353 15.92 -6.88 -8.71
N ALA A 354 14.63 -6.55 -8.73
CA ALA A 354 13.70 -7.20 -9.63
C ALA A 354 14.10 -7.02 -11.09
N THR A 355 14.54 -5.82 -11.44
CA THR A 355 14.95 -5.54 -12.81
C THR A 355 16.19 -6.36 -13.14
N GLU A 356 16.86 -6.87 -12.11
CA GLU A 356 18.07 -7.66 -12.29
C GLU A 356 17.86 -9.17 -12.23
N GLN A 357 18.80 -9.90 -12.80
CA GLN A 357 18.75 -11.35 -12.77
C GLN A 357 18.87 -11.69 -11.30
N TYR A 358 18.64 -12.95 -10.94
CA TYR A 358 18.77 -13.30 -9.54
C TYR A 358 20.00 -14.15 -9.30
N GLY A 359 20.11 -15.23 -10.05
CA GLY A 359 21.24 -16.12 -9.91
C GLY A 359 21.57 -16.88 -11.16
N SER A 360 22.44 -17.87 -11.01
CA SER A 360 22.86 -18.71 -12.12
C SER A 360 23.12 -20.11 -11.57
N VAL A 361 22.49 -21.10 -12.21
CA VAL A 361 22.63 -22.49 -11.81
C VAL A 361 23.13 -23.41 -12.90
N SER A 362 23.54 -24.61 -12.50
CA SER A 362 24.03 -25.64 -13.42
C SER A 362 22.91 -26.04 -14.35
N THR A 363 23.23 -26.29 -15.61
CA THR A 363 22.22 -26.64 -16.59
C THR A 363 22.04 -28.17 -16.69
N ASN A 364 23.12 -28.89 -16.84
N ASN A 364 23.14 -28.86 -17.03
CA ASN A 364 23.02 -30.35 -16.89
CA ASN A 364 23.18 -30.32 -17.25
C ASN A 364 24.13 -30.85 -15.99
C ASN A 364 24.20 -31.07 -16.36
N LEU A 365 25.01 -31.67 -16.54
N LEU A 365 23.94 -32.35 -16.10
CA LEU A 365 26.11 -32.25 -15.77
CA LEU A 365 24.82 -33.17 -15.29
C LEU A 365 27.42 -32.29 -16.54
C LEU A 365 26.16 -33.43 -16.01
N GLN A 366 28.30 -31.29 -16.39
N GLN A 366 26.81 -32.33 -16.36
CA GLN A 366 29.57 -31.29 -17.11
CA GLN A 366 28.07 -32.31 -17.08
C GLN A 366 30.30 -32.63 -17.03
C GLN A 366 29.05 -33.43 -16.80
N ARG A 367 31.16 -32.87 -18.01
N ARG A 367 30.08 -33.51 -17.63
CA ARG A 367 31.93 -34.09 -18.07
CA ARG A 367 31.13 -34.52 -17.47
C ARG A 367 33.12 -33.89 -19.01
C ARG A 367 32.52 -34.09 -17.94
N GLY A 368 34.05 -34.84 -18.95
N GLY A 368 33.13 -34.92 -18.78
CA GLY A 368 35.24 -34.78 -19.78
CA GLY A 368 34.46 -34.65 -19.29
C GLY A 368 35.04 -34.67 -21.28
C GLY A 368 34.44 -34.14 -20.72
N ASN A 369 33.84 -34.95 -21.75
N ASN A 369 33.91 -34.98 -21.61
CA ASN A 369 33.61 -34.84 -23.18
CA ASN A 369 33.77 -34.65 -23.03
C ASN A 369 32.66 -33.71 -23.50
C ASN A 369 32.78 -33.53 -23.31
N ARG A 370 31.59 -33.61 -22.72
CA ARG A 370 30.58 -32.59 -22.90
C ARG A 370 30.92 -31.42 -21.99
N GLN A 371 30.73 -30.21 -22.53
CA GLN A 371 31.05 -28.98 -21.82
C GLN A 371 30.11 -28.74 -20.66
N ALA A 372 30.61 -27.96 -19.70
CA ALA A 372 29.88 -27.57 -18.49
C ALA A 372 28.94 -26.39 -18.76
N ALA A 373 27.64 -26.64 -18.66
CA ALA A 373 26.65 -25.61 -18.90
C ALA A 373 26.32 -24.85 -17.63
N THR A 374 25.95 -23.59 -17.79
CA THR A 374 25.60 -22.70 -16.68
C THR A 374 24.35 -21.88 -17.03
N ALA A 375 23.19 -22.36 -16.57
CA ALA A 375 21.93 -21.68 -16.83
C ALA A 375 21.73 -20.46 -15.95
N ASP A 376 20.96 -19.50 -16.47
CA ASP A 376 20.67 -18.26 -15.76
C ASP A 376 19.35 -18.41 -15.00
N VAL A 377 19.21 -17.69 -13.89
CA VAL A 377 17.99 -17.77 -13.10
C VAL A 377 17.40 -16.42 -12.74
N ASN A 378 16.34 -16.07 -13.46
CA ASN A 378 15.66 -14.80 -13.24
C ASN A 378 14.60 -14.90 -12.16
N THR A 379 13.71 -15.88 -12.28
CA THR A 379 12.65 -16.07 -11.30
C THR A 379 13.07 -17.06 -10.23
N GLN A 380 12.48 -16.94 -9.04
CA GLN A 380 12.84 -17.81 -7.94
C GLN A 380 11.69 -18.05 -6.95
N GLY A 381 11.93 -18.99 -6.05
CA GLY A 381 10.96 -19.32 -5.00
C GLY A 381 11.67 -19.08 -3.68
N VAL A 382 11.09 -19.52 -2.57
CA VAL A 382 11.74 -19.31 -1.28
C VAL A 382 12.30 -20.61 -0.72
N LEU A 383 13.29 -20.50 0.15
CA LEU A 383 13.92 -21.65 0.76
C LEU A 383 14.45 -21.31 2.14
N PRO A 384 14.79 -22.34 2.93
CA PRO A 384 15.32 -22.03 4.26
C PRO A 384 16.66 -21.37 4.00
N GLY A 385 17.01 -20.39 4.82
CA GLY A 385 18.27 -19.70 4.63
C GLY A 385 18.09 -18.39 3.89
N MET A 386 16.84 -17.98 3.77
CA MET A 386 16.52 -16.74 3.09
C MET A 386 15.92 -15.77 4.08
N VAL A 387 16.37 -14.53 4.00
CA VAL A 387 15.90 -13.46 4.89
C VAL A 387 15.78 -12.18 4.07
N TRP A 388 14.74 -11.41 4.35
CA TRP A 388 14.49 -10.19 3.60
C TRP A 388 13.72 -9.19 4.45
N GLN A 389 13.23 -8.15 3.80
CA GLN A 389 12.44 -7.11 4.45
C GLN A 389 11.41 -6.60 3.46
N ASP A 390 10.14 -6.68 3.84
CA ASP A 390 9.05 -6.23 2.97
C ASP A 390 9.20 -4.78 2.57
N ARG A 391 8.25 -4.30 1.77
CA ARG A 391 8.25 -2.93 1.26
C ARG A 391 8.24 -1.88 2.37
N ASP A 392 8.57 -0.65 2.02
CA ASP A 392 8.61 0.45 2.99
C ASP A 392 7.22 0.98 3.31
N VAL A 393 7.15 2.13 3.98
CA VAL A 393 5.86 2.71 4.35
C VAL A 393 5.32 3.82 3.46
N TYR A 394 6.09 4.89 3.21
CA TYR A 394 5.58 5.92 2.32
C TYR A 394 4.27 6.56 2.77
N LEU A 395 4.33 7.36 3.84
CA LEU A 395 3.13 7.99 4.40
C LEU A 395 2.21 8.59 3.36
N GLN A 396 2.71 8.80 2.15
CA GLN A 396 1.88 9.33 1.09
C GLN A 396 1.17 8.11 0.51
N GLY A 397 1.07 7.07 1.32
CA GLY A 397 0.46 5.82 0.88
C GLY A 397 -0.36 5.09 1.93
N PRO A 398 -0.69 3.80 1.68
CA PRO A 398 -1.48 2.98 2.60
C PRO A 398 -0.82 2.87 3.96
N ILE A 399 -1.64 2.54 4.95
CA ILE A 399 -1.15 2.40 6.31
C ILE A 399 -1.20 0.95 6.79
N TRP A 400 -2.24 0.22 6.42
CA TRP A 400 -2.35 -1.17 6.79
C TRP A 400 -3.20 -1.85 5.72
N ALA A 401 -3.39 -3.16 5.84
CA ALA A 401 -4.17 -3.88 4.86
C ALA A 401 -5.09 -4.91 5.48
N LYS A 402 -5.68 -5.75 4.64
CA LYS A 402 -6.61 -6.78 5.10
C LYS A 402 -6.15 -8.17 4.65
N ILE A 403 -5.97 -9.05 5.62
CA ILE A 403 -5.55 -10.41 5.30
C ILE A 403 -6.78 -11.20 4.90
N PRO A 404 -6.67 -11.98 3.82
CA PRO A 404 -7.76 -12.81 3.31
C PRO A 404 -8.00 -14.00 4.23
N HIS A 405 -9.19 -14.09 4.82
CA HIS A 405 -9.46 -15.19 5.72
C HIS A 405 -9.52 -16.49 4.94
N THR A 406 -8.37 -17.14 4.87
CA THR A 406 -8.22 -18.41 4.18
C THR A 406 -7.40 -19.31 5.10
N ASP A 407 -6.98 -20.45 4.59
CA ASP A 407 -6.21 -21.40 5.37
C ASP A 407 -4.71 -21.26 5.12
N GLY A 408 -4.35 -21.26 3.84
CA GLY A 408 -2.96 -21.16 3.48
C GLY A 408 -2.49 -19.75 3.18
N HIS A 409 -1.66 -19.25 4.08
CA HIS A 409 -1.09 -17.93 3.94
C HIS A 409 0.33 -18.00 4.45
N PHE A 410 1.17 -17.11 3.98
CA PHE A 410 2.55 -17.13 4.41
C PHE A 410 3.12 -15.73 4.51
N HIS A 411 3.70 -15.42 5.67
CA HIS A 411 4.29 -14.12 5.91
C HIS A 411 3.39 -13.09 5.26
N PRO A 412 2.11 -13.08 5.68
CA PRO A 412 1.07 -12.18 5.18
C PRO A 412 1.41 -10.70 5.24
N SER A 413 2.70 -10.39 5.11
CA SER A 413 3.16 -9.03 5.09
C SER A 413 2.67 -8.51 3.74
N PRO A 414 2.02 -7.34 3.73
CA PRO A 414 1.48 -6.72 2.52
C PRO A 414 2.49 -6.45 1.40
N LEU A 415 2.00 -6.45 0.16
CA LEU A 415 2.85 -6.19 -1.00
C LEU A 415 2.83 -4.71 -1.32
N MET A 416 1.93 -4.01 -0.64
CA MET A 416 1.81 -2.57 -0.81
C MET A 416 2.42 -2.01 0.46
N GLY A 417 3.20 -2.85 1.11
CA GLY A 417 3.84 -2.48 2.36
C GLY A 417 2.80 -2.26 3.43
N GLY A 418 3.24 -2.17 4.68
CA GLY A 418 2.29 -1.94 5.76
C GLY A 418 2.08 -3.09 6.73
N PHE A 419 0.87 -3.18 7.25
CA PHE A 419 0.52 -4.22 8.20
C PHE A 419 -0.67 -5.05 7.76
N GLY A 420 -0.66 -6.31 8.15
CA GLY A 420 -1.75 -7.21 7.81
C GLY A 420 -2.38 -7.73 9.08
N LEU A 421 -3.67 -8.03 9.04
CA LEU A 421 -4.36 -8.53 10.23
C LEU A 421 -5.41 -9.58 9.88
N LYS A 422 -5.52 -10.61 10.71
CA LYS A 422 -6.51 -11.64 10.47
C LYS A 422 -7.86 -11.10 10.92
N HIS A 423 -7.82 -10.01 11.68
CA HIS A 423 -9.04 -9.37 12.16
C HIS A 423 -8.79 -7.86 12.25
N PRO A 424 -8.67 -7.21 11.07
CA PRO A 424 -8.42 -5.79 10.84
C PRO A 424 -9.51 -4.84 11.33
N PRO A 425 -9.18 -3.55 11.46
CA PRO A 425 -10.20 -2.62 11.92
C PRO A 425 -11.34 -2.70 10.91
N PRO A 426 -12.58 -2.62 11.40
CA PRO A 426 -13.77 -2.69 10.56
C PRO A 426 -13.89 -1.63 9.49
N GLN A 427 -14.95 -1.74 8.71
CA GLN A 427 -15.24 -0.79 7.65
C GLN A 427 -16.45 -0.02 8.12
N ILE A 428 -16.37 1.30 7.98
CA ILE A 428 -17.45 2.17 8.41
C ILE A 428 -18.32 2.58 7.21
N LEU A 429 -19.62 2.31 7.31
CA LEU A 429 -20.54 2.62 6.23
C LEU A 429 -21.71 3.49 6.67
N ILE A 430 -22.02 4.49 5.85
CA ILE A 430 -23.10 5.41 6.15
C ILE A 430 -23.96 5.74 4.94
N LYS A 431 -25.17 6.21 5.21
CA LYS A 431 -26.13 6.60 4.20
C LYS A 431 -27.06 7.67 4.77
N ASN A 432 -27.77 8.38 3.90
CA ASN A 432 -28.70 9.41 4.36
C ASN A 432 -30.07 8.75 4.45
N THR A 433 -30.83 9.13 5.48
CA THR A 433 -32.16 8.57 5.66
C THR A 433 -33.03 8.86 4.44
N PRO A 434 -33.63 7.81 3.88
CA PRO A 434 -34.49 7.97 2.71
C PRO A 434 -35.70 8.84 3.02
N VAL A 435 -35.69 10.08 2.55
CA VAL A 435 -36.83 10.97 2.79
C VAL A 435 -37.79 10.91 1.61
N PRO A 436 -38.82 10.08 1.71
CA PRO A 436 -39.80 9.95 0.63
C PRO A 436 -40.51 11.26 0.37
N ALA A 437 -40.37 11.75 -0.86
CA ALA A 437 -41.01 12.98 -1.25
C ALA A 437 -42.52 12.84 -1.09
N ASP A 438 -43.24 13.80 -1.65
CA ASP A 438 -44.70 13.82 -1.58
C ASP A 438 -45.28 12.54 -2.19
N PRO A 439 -45.93 11.71 -1.35
CA PRO A 439 -46.55 10.46 -1.78
C PRO A 439 -47.91 10.74 -2.43
N PRO A 440 -48.33 9.86 -3.36
CA PRO A 440 -49.62 10.07 -4.03
C PRO A 440 -50.76 10.11 -3.01
N THR A 441 -51.76 10.95 -3.28
CA THR A 441 -52.89 11.09 -2.38
C THR A 441 -53.60 9.76 -2.24
N THR A 442 -53.86 9.09 -3.35
CA THR A 442 -54.53 7.80 -3.32
C THR A 442 -53.49 6.69 -3.37
N PHE A 443 -53.90 5.49 -2.99
CA PHE A 443 -52.99 4.35 -2.96
C PHE A 443 -52.37 3.92 -4.28
N ASN A 444 -51.23 3.25 -4.16
CA ASN A 444 -50.48 2.71 -5.29
C ASN A 444 -49.73 1.47 -4.81
N GLN A 445 -49.75 0.42 -5.63
CA GLN A 445 -49.09 -0.82 -5.28
C GLN A 445 -47.57 -0.69 -5.30
N SER A 446 -47.06 0.00 -6.31
CA SER A 446 -45.62 0.17 -6.47
C SER A 446 -44.94 0.80 -5.26
N LYS A 447 -43.63 0.97 -5.39
CA LYS A 447 -42.81 1.57 -4.33
C LYS A 447 -42.53 3.05 -4.60
N LEU A 448 -41.92 3.72 -3.63
CA LEU A 448 -41.61 5.14 -3.77
C LEU A 448 -40.20 5.39 -4.29
N ASN A 449 -40.12 6.25 -5.30
CA ASN A 449 -38.86 6.63 -5.91
C ASN A 449 -38.53 8.09 -5.63
N SER A 450 -39.57 8.91 -5.49
CA SER A 450 -39.40 10.32 -5.23
C SER A 450 -38.78 10.57 -3.86
N PHE A 451 -37.84 11.49 -3.81
CA PHE A 451 -37.17 11.84 -2.57
C PHE A 451 -36.79 13.29 -2.57
N ILE A 452 -36.06 13.69 -1.54
CA ILE A 452 -35.59 15.05 -1.44
C ILE A 452 -34.09 15.02 -1.39
N THR A 453 -33.47 15.71 -2.33
CA THR A 453 -32.03 15.76 -2.39
C THR A 453 -31.53 16.42 -1.11
N GLN A 454 -30.78 15.65 -0.33
CA GLN A 454 -30.23 16.17 0.93
C GLN A 454 -28.93 15.49 1.32
N TYR A 455 -28.19 16.14 2.19
CA TYR A 455 -26.92 15.62 2.63
C TYR A 455 -26.61 16.12 4.04
N SER A 456 -25.46 15.73 4.55
CA SER A 456 -25.03 16.15 5.88
C SER A 456 -23.53 16.22 6.02
N THR A 457 -23.09 16.77 7.14
CA THR A 457 -21.68 16.94 7.43
C THR A 457 -21.37 16.45 8.85
N GLY A 458 -20.16 16.76 9.32
CA GLY A 458 -19.77 16.33 10.65
C GLY A 458 -18.27 16.19 10.81
N GLN A 459 -17.85 15.96 12.05
CA GLN A 459 -16.45 15.81 12.36
C GLN A 459 -15.99 14.38 12.64
N VAL A 460 -14.96 13.99 11.91
CA VAL A 460 -14.36 12.66 12.03
C VAL A 460 -13.23 12.65 13.05
N SER A 461 -13.38 11.83 14.07
CA SER A 461 -12.37 11.71 15.11
C SER A 461 -11.79 10.31 15.05
N VAL A 462 -10.47 10.21 15.20
CA VAL A 462 -9.83 8.93 15.15
C VAL A 462 -8.57 8.88 15.99
N GLU A 463 -8.67 8.29 17.17
CA GLU A 463 -7.51 8.20 18.04
C GLU A 463 -6.70 6.95 17.74
N ILE A 464 -5.48 7.15 17.25
CA ILE A 464 -4.61 6.04 16.92
C ILE A 464 -3.46 6.02 17.92
N GLU A 465 -3.42 4.99 18.76
CA GLU A 465 -2.34 4.86 19.73
C GLU A 465 -1.19 4.16 19.02
N TRP A 466 0.03 4.47 19.42
CA TRP A 466 1.17 3.85 18.75
C TRP A 466 2.33 3.36 19.61
N GLU A 467 2.94 2.27 19.12
CA GLU A 467 4.08 1.66 19.80
C GLU A 467 5.32 1.94 18.98
N LEU A 468 6.46 2.03 19.65
CA LEU A 468 7.70 2.33 18.97
C LEU A 468 8.96 1.78 19.65
N GLN A 469 10.03 1.67 18.88
CA GLN A 469 11.31 1.19 19.36
C GLN A 469 12.33 2.21 18.88
N LYS A 470 12.95 2.92 19.82
CA LYS A 470 13.94 3.93 19.46
C LYS A 470 15.36 3.38 19.31
N GLU A 471 16.16 4.09 18.52
CA GLU A 471 17.54 3.68 18.28
C GLU A 471 18.36 3.72 19.56
N ASN A 472 18.95 2.59 19.91
CA ASN A 472 19.78 2.49 21.09
C ASN A 472 21.23 2.23 20.66
N SER A 473 21.46 2.24 19.35
CA SER A 473 22.77 1.98 18.77
C SER A 473 23.90 2.88 19.21
N LYS A 474 25.10 2.32 19.20
CA LYS A 474 26.32 3.03 19.57
C LYS A 474 27.07 3.41 18.31
N ARG A 475 26.33 3.63 17.22
CA ARG A 475 26.93 4.03 15.96
C ARG A 475 27.66 5.32 16.31
N TRP A 476 28.98 5.24 16.40
CA TRP A 476 29.78 6.39 16.76
C TRP A 476 29.59 7.57 15.81
N ASN A 477 29.61 7.30 14.51
CA ASN A 477 29.43 8.35 13.54
C ASN A 477 27.99 8.80 13.42
N PRO A 478 27.76 10.07 13.08
CA PRO A 478 26.42 10.61 12.94
C PRO A 478 25.69 9.90 11.80
N GLU A 479 24.70 9.08 12.13
CA GLU A 479 23.96 8.40 11.09
C GLU A 479 23.23 9.47 10.29
N ILE A 480 22.51 9.06 9.25
CA ILE A 480 21.78 10.01 8.44
C ILE A 480 20.36 10.21 8.94
N GLN A 481 19.88 11.42 8.79
CA GLN A 481 18.53 11.78 9.22
C GLN A 481 17.83 12.37 8.02
N TYR A 482 16.53 12.58 8.17
CA TYR A 482 15.76 13.18 7.10
C TYR A 482 15.42 14.60 7.51
N THR A 483 15.69 15.56 6.64
CA THR A 483 15.40 16.95 6.93
C THR A 483 15.10 17.75 5.69
N SER A 484 14.23 18.73 5.83
CA SER A 484 13.88 19.60 4.71
C SER A 484 15.20 20.24 4.32
N ASN A 485 15.43 20.41 3.03
CA ASN A 485 16.68 21.03 2.61
C ASN A 485 16.78 22.40 3.25
N TYR A 486 17.88 22.60 3.96
CA TYR A 486 18.19 23.82 4.70
C TYR A 486 18.48 25.11 3.91
N TYR A 487 18.25 25.08 2.59
CA TYR A 487 18.48 26.26 1.75
C TYR A 487 17.20 27.11 1.63
N LYS A 488 17.22 28.08 0.73
CA LYS A 488 16.08 28.95 0.51
C LYS A 488 15.35 28.60 -0.80
N SER A 489 14.06 28.30 -0.69
CA SER A 489 13.25 27.95 -1.86
C SER A 489 12.09 28.94 -1.95
N THR A 490 11.45 28.99 -3.13
CA THR A 490 10.33 29.90 -3.36
C THR A 490 9.09 29.52 -2.53
N SER A 491 8.69 28.25 -2.63
CA SER A 491 7.55 27.73 -1.91
C SER A 491 8.06 26.68 -0.92
N VAL A 492 7.88 26.94 0.37
CA VAL A 492 8.36 26.01 1.38
C VAL A 492 7.72 24.64 1.17
N ASP A 493 8.46 23.60 1.53
CA ASP A 493 7.97 22.24 1.39
C ASP A 493 6.72 22.02 2.25
N PHE A 494 5.83 21.15 1.79
CA PHE A 494 4.60 20.86 2.50
C PHE A 494 3.88 22.14 2.92
N ALA A 495 4.26 23.25 2.30
CA ALA A 495 3.63 24.51 2.62
C ALA A 495 2.44 24.69 1.72
N VAL A 496 1.59 25.65 2.07
CA VAL A 496 0.42 25.94 1.28
C VAL A 496 0.80 26.96 0.23
N ASN A 497 0.61 26.65 -1.05
CA ASN A 497 0.97 27.59 -2.08
C ASN A 497 0.12 28.81 -1.73
N THR A 498 0.38 29.94 -2.37
CA THR A 498 -0.37 31.13 -2.06
C THR A 498 -1.87 30.96 -2.28
N GLU A 499 -2.30 29.75 -2.67
CA GLU A 499 -3.71 29.47 -2.90
C GLU A 499 -4.37 28.49 -1.92
N GLY A 500 -3.67 28.17 -0.84
CA GLY A 500 -4.20 27.25 0.14
C GLY A 500 -4.01 25.80 -0.25
N VAL A 501 -4.01 25.55 -1.55
CA VAL A 501 -3.81 24.20 -2.04
C VAL A 501 -2.35 23.85 -1.81
N TYR A 502 -2.11 22.90 -0.91
CA TYR A 502 -0.74 22.49 -0.63
C TYR A 502 -0.53 21.06 -1.08
N SER A 503 0.73 20.70 -1.28
CA SER A 503 1.08 19.35 -1.71
C SER A 503 2.31 18.88 -0.97
N GLU A 504 2.85 17.76 -1.43
CA GLU A 504 4.03 17.19 -0.82
C GLU A 504 5.15 17.19 -1.85
N PRO A 505 6.28 17.84 -1.51
CA PRO A 505 7.44 17.93 -2.40
C PRO A 505 8.00 16.57 -2.79
N ARG A 506 8.11 15.67 -1.81
CA ARG A 506 8.65 14.35 -2.06
C ARG A 506 8.10 13.29 -1.12
N PRO A 507 8.21 12.01 -1.52
CA PRO A 507 7.74 10.88 -0.73
C PRO A 507 8.73 10.58 0.39
N ILE A 508 8.28 9.90 1.44
CA ILE A 508 9.19 9.59 2.53
C ILE A 508 9.13 8.17 3.07
N GLY A 509 10.32 7.63 3.31
CA GLY A 509 10.46 6.29 3.82
C GLY A 509 10.91 6.26 5.26
N THR A 510 11.10 5.06 5.80
CA THR A 510 11.50 4.92 7.19
C THR A 510 12.91 4.39 7.40
N ARG A 511 13.30 3.44 6.56
CA ARG A 511 14.61 2.83 6.68
C ARG A 511 15.71 3.88 6.59
N TYR A 512 15.85 4.70 7.63
CA TYR A 512 16.85 5.75 7.67
C TYR A 512 17.92 5.47 8.71
N LEU A 513 17.49 5.15 9.92
CA LEU A 513 18.42 4.88 10.98
C LEU A 513 19.25 3.65 10.67
N THR A 514 20.56 3.85 10.67
CA THR A 514 21.50 2.79 10.38
C THR A 514 21.51 1.73 11.47
N ARG A 515 20.66 0.73 11.35
CA ARG A 515 20.62 -0.32 12.35
C ARG A 515 21.56 -1.42 11.88
N ASN A 516 22.42 -1.87 12.79
CA ASN A 516 23.36 -2.92 12.47
C ASN A 516 22.49 -4.09 12.05
N LEU A 517 22.82 -4.71 10.92
CA LEU A 517 22.04 -5.84 10.38
C LEU A 517 21.58 -6.81 11.46
#